data_4LBD
#
_entry.id   4LBD
#
_cell.length_a   59.882
_cell.length_b   59.882
_cell.length_c   155.958
_cell.angle_alpha   90.00
_cell.angle_beta   90.00
_cell.angle_gamma   90.00
#
_symmetry.space_group_name_H-M   'P 41 21 2'
#
loop_
_entity.id
_entity.type
_entity.pdbx_description
1 polymer 'RETINOIC ACID RECEPTOR GAMMA'
2 non-polymer '3-FLUORO-4-[2-HYDROXY-2-(5,5,8,8-TETRAMETHYL-5,6,7,8,-TETRAHYDRO-NAPHTALEN-2-YL)-ACETYLAMINO]-BENZOIC ACID'
3 water water
#
_entity_poly.entity_id   1
_entity_poly.type   'polypeptide(L)'
_entity_poly.pdbx_seq_one_letter_code
;MGSSHHHHHHSSGLVPRGSHMDSYELSPQLEELITKVSKAHQETFPSLCQLGKYTTNSSADHRVQLDLGLWDKFSELATK
CIIKIVEFAKRLPGFTGLSIADQITLLKAACLDILMLRICTRYTPEQDTMTFSDGLTLNRTQMHNAGFGPLTDLVFAFAG
QLLPLEMDDTETGLLSAICLICGDRMDLEEPEKVDKLQEPLLEALRLYARRRRPSQPYMFPRMLMKITDLRGISTKGAER
AITLKMEIPGPMPPLIREMLENPEMFE
;
_entity_poly.pdbx_strand_id   A
#
loop_
_chem_comp.id
_chem_comp.type
_chem_comp.name
_chem_comp.formula
961 non-polymer '3-FLUORO-4-[2-HYDROXY-2-(5,5,8,8-TETRAMETHYL-5,6,7,8,-TETRAHYDRO-NAPHTALEN-2-YL)-ACETYLAMINO]-BENZOIC ACID' 'C23 H26 F N O4'
#
# COMPACT_ATOMS: atom_id res chain seq x y z
N LEU A 26 -13.69 -16.49 -20.56
CA LEU A 26 -13.35 -15.72 -21.80
C LEU A 26 -12.28 -14.65 -21.54
N SER A 27 -11.57 -14.27 -22.60
CA SER A 27 -10.54 -13.23 -22.54
C SER A 27 -11.12 -11.84 -22.33
N PRO A 28 -12.25 -11.52 -22.98
CA PRO A 28 -12.84 -10.19 -22.82
C PRO A 28 -13.20 -9.86 -21.36
N GLN A 29 -13.44 -10.89 -20.55
CA GLN A 29 -13.76 -10.68 -19.13
C GLN A 29 -12.49 -10.35 -18.34
N LEU A 30 -11.35 -10.90 -18.76
CA LEU A 30 -10.11 -10.63 -18.08
C LEU A 30 -9.68 -9.23 -18.44
N GLU A 31 -9.83 -8.85 -19.72
CA GLU A 31 -9.45 -7.51 -20.14
C GLU A 31 -10.33 -6.52 -19.38
N GLU A 32 -11.57 -6.92 -19.13
CA GLU A 32 -12.52 -6.08 -18.41
C GLU A 32 -12.04 -5.90 -16.95
N LEU A 33 -11.55 -6.98 -16.35
CA LEU A 33 -11.04 -6.97 -14.98
C LEU A 33 -9.77 -6.13 -14.86
N ILE A 34 -8.93 -6.18 -15.90
CA ILE A 34 -7.72 -5.40 -15.88
C ILE A 34 -8.09 -3.93 -15.91
N THR A 35 -9.09 -3.62 -16.71
CA THR A 35 -9.54 -2.25 -16.83
C THR A 35 -10.17 -1.70 -15.56
N LYS A 36 -11.03 -2.48 -14.91
CA LYS A 36 -11.72 -2.05 -13.69
C LYS A 36 -10.77 -1.83 -12.52
N VAL A 37 -9.94 -2.83 -12.26
CA VAL A 37 -8.96 -2.75 -11.18
C VAL A 37 -8.06 -1.54 -11.37
N SER A 38 -7.56 -1.38 -12.60
CA SER A 38 -6.68 -0.28 -12.95
C SER A 38 -7.34 1.09 -12.66
N LYS A 39 -8.57 1.26 -13.12
CA LYS A 39 -9.30 2.52 -12.92
C LYS A 39 -9.58 2.72 -11.43
N ALA A 40 -9.92 1.62 -10.75
CA ALA A 40 -10.22 1.65 -9.32
C ALA A 40 -9.02 2.12 -8.52
N HIS A 41 -7.83 1.79 -8.98
CA HIS A 41 -6.61 2.20 -8.30
C HIS A 41 -6.29 3.68 -8.58
N GLN A 42 -6.30 4.04 -9.85
CA GLN A 42 -6.01 5.39 -10.30
C GLN A 42 -6.94 6.44 -9.67
N GLU A 43 -8.15 5.99 -9.35
CA GLU A 43 -9.14 6.86 -8.74
C GLU A 43 -9.02 6.98 -7.24
N THR A 44 -8.36 6.00 -6.61
CA THR A 44 -8.18 6.04 -5.15
C THR A 44 -6.71 6.30 -4.83
N PHE A 45 -5.86 6.40 -5.85
CA PHE A 45 -4.46 6.64 -5.63
C PHE A 45 -3.89 7.45 -6.79
N PRO A 46 -3.76 8.78 -6.61
CA PRO A 46 -3.21 9.64 -7.66
C PRO A 46 -1.72 9.37 -7.88
N SER A 47 -1.29 9.36 -9.13
CA SER A 47 0.10 9.11 -9.45
C SER A 47 1.02 10.24 -8.98
N LEU A 48 2.27 9.87 -8.77
CA LEU A 48 3.31 10.81 -8.35
C LEU A 48 3.41 11.98 -9.32
N CYS A 49 3.56 11.66 -10.60
CA CYS A 49 3.67 12.71 -11.61
C CYS A 49 2.48 13.65 -11.78
N GLN A 50 1.31 13.23 -11.34
CA GLN A 50 0.12 14.07 -11.48
C GLN A 50 -0.18 14.80 -10.17
N LEU A 51 0.75 14.76 -9.23
CA LEU A 51 0.53 15.36 -7.93
C LEU A 51 1.14 16.73 -7.71
N GLY A 52 0.45 17.57 -6.96
CA GLY A 52 0.93 18.92 -6.68
C GLY A 52 1.83 18.84 -5.46
N LYS A 53 3.12 18.57 -5.69
CA LYS A 53 4.09 18.44 -4.61
C LYS A 53 4.40 19.73 -3.90
N TYR A 54 4.47 19.66 -2.58
CA TYR A 54 4.79 20.79 -1.71
C TYR A 54 5.62 20.29 -0.51
N THR A 55 6.28 21.19 0.19
CA THR A 55 7.11 20.76 1.31
C THR A 55 6.79 21.43 2.64
N THR A 56 7.52 21.04 3.68
CA THR A 56 7.36 21.63 5.01
C THR A 56 8.75 21.81 5.58
N ASN A 57 8.93 22.77 6.48
CA ASN A 57 10.28 22.96 7.03
C ASN A 57 10.46 22.32 8.37
N SER A 58 9.46 21.55 8.81
CA SER A 58 9.52 20.88 10.10
C SER A 58 10.58 19.81 10.15
N SER A 59 11.39 19.86 11.21
CA SER A 59 12.46 18.91 11.48
C SER A 59 13.18 18.28 10.30
N ALA A 60 13.55 19.11 9.32
CA ALA A 60 14.25 18.64 8.12
C ALA A 60 15.75 18.55 8.34
N ASP A 61 16.25 19.24 9.37
CA ASP A 61 17.68 19.32 9.73
C ASP A 61 18.34 17.99 10.11
N HIS A 62 17.90 17.40 11.22
CA HIS A 62 18.48 16.14 11.68
C HIS A 62 17.44 15.27 12.35
N ARG A 63 17.79 14.01 12.62
CA ARG A 63 16.86 13.06 13.22
C ARG A 63 16.60 13.25 14.72
N VAL A 64 15.33 13.20 15.09
CA VAL A 64 14.92 13.34 16.47
C VAL A 64 13.91 12.22 16.73
N GLN A 65 13.59 11.95 17.99
CA GLN A 65 12.61 10.90 18.31
C GLN A 65 11.25 11.07 17.60
N LEU A 66 10.65 12.25 17.72
CA LEU A 66 9.35 12.45 17.10
C LEU A 66 8.93 13.91 16.97
N ASP A 67 8.60 14.32 15.76
CA ASP A 67 8.14 15.68 15.59
C ASP A 67 6.61 15.49 15.59
N LEU A 68 5.95 16.06 16.60
CA LEU A 68 4.50 15.91 16.76
C LEU A 68 3.60 16.61 15.74
N GLY A 69 4.07 17.71 15.17
CA GLY A 69 3.29 18.42 14.19
C GLY A 69 3.30 17.60 12.90
N LEU A 70 4.44 16.96 12.67
CA LEU A 70 4.68 16.11 11.51
C LEU A 70 3.87 14.82 11.65
N TRP A 71 3.77 14.29 12.87
CA TRP A 71 2.99 13.08 13.10
C TRP A 71 1.48 13.32 12.98
N ASP A 72 1.03 14.54 13.29
CA ASP A 72 -0.41 14.82 13.16
C ASP A 72 -0.74 14.83 11.71
N LYS A 73 0.08 15.49 10.91
CA LYS A 73 -0.19 15.55 9.49
C LYS A 73 -0.05 14.19 8.87
N PHE A 74 0.88 13.38 9.38
CA PHE A 74 1.09 12.04 8.83
C PHE A 74 -0.06 11.07 9.14
N SER A 75 -0.52 11.05 10.38
CA SER A 75 -1.61 10.17 10.75
C SER A 75 -2.84 10.57 9.94
N GLU A 76 -3.04 11.88 9.80
CA GLU A 76 -4.17 12.42 9.05
C GLU A 76 -4.20 11.84 7.64
N LEU A 77 -3.03 11.84 7.00
CA LEU A 77 -2.87 11.31 5.65
C LEU A 77 -3.02 9.79 5.59
N ALA A 78 -2.50 9.10 6.60
CA ALA A 78 -2.59 7.63 6.66
C ALA A 78 -4.04 7.22 6.76
N THR A 79 -4.81 7.94 7.59
CA THR A 79 -6.23 7.64 7.76
C THR A 79 -6.94 7.83 6.45
N LYS A 80 -6.60 8.90 5.74
CA LYS A 80 -7.23 9.18 4.44
C LYS A 80 -6.95 8.09 3.43
N CYS A 81 -5.75 7.54 3.50
CA CYS A 81 -5.35 6.46 2.61
C CYS A 81 -6.11 5.18 2.94
N ILE A 82 -6.31 4.91 4.22
CA ILE A 82 -7.04 3.71 4.59
C ILE A 82 -8.46 3.74 4.00
N ILE A 83 -9.07 4.92 3.99
CA ILE A 83 -10.40 5.08 3.44
C ILE A 83 -10.34 4.84 1.93
N LYS A 84 -9.27 5.32 1.32
CA LYS A 84 -9.10 5.15 -0.12
C LYS A 84 -8.87 3.68 -0.45
N ILE A 85 -8.24 2.96 0.46
CA ILE A 85 -7.97 1.54 0.26
C ILE A 85 -9.30 0.78 0.31
N VAL A 86 -10.13 1.11 1.29
CA VAL A 86 -11.43 0.46 1.46
C VAL A 86 -12.25 0.75 0.20
N GLU A 87 -12.19 2.00 -0.24
CA GLU A 87 -12.91 2.49 -1.41
C GLU A 87 -12.53 1.63 -2.63
N PHE A 88 -11.23 1.40 -2.80
CA PHE A 88 -10.65 0.61 -3.89
C PHE A 88 -11.09 -0.86 -3.79
N ALA A 89 -11.08 -1.39 -2.58
CA ALA A 89 -11.47 -2.77 -2.34
C ALA A 89 -12.94 -3.00 -2.74
N LYS A 90 -13.78 -1.99 -2.51
CA LYS A 90 -15.18 -2.11 -2.84
C LYS A 90 -15.44 -2.16 -4.35
N ARG A 91 -14.51 -1.59 -5.13
CA ARG A 91 -14.62 -1.54 -6.60
C ARG A 91 -14.03 -2.77 -7.28
N LEU A 92 -13.35 -3.62 -6.52
CA LEU A 92 -12.75 -4.84 -7.03
C LEU A 92 -13.90 -5.81 -7.20
N PRO A 93 -14.07 -6.37 -8.40
CA PRO A 93 -15.15 -7.32 -8.67
C PRO A 93 -15.23 -8.51 -7.73
N GLY A 94 -16.36 -8.64 -7.03
CA GLY A 94 -16.58 -9.75 -6.14
C GLY A 94 -16.45 -9.50 -4.66
N PHE A 95 -15.60 -8.55 -4.30
CA PHE A 95 -15.31 -8.19 -2.92
C PHE A 95 -16.62 -7.94 -2.13
N THR A 96 -17.52 -7.14 -2.72
CA THR A 96 -18.78 -6.82 -2.08
C THR A 96 -19.70 -8.04 -1.88
N GLY A 97 -19.52 -9.08 -2.70
CA GLY A 97 -20.33 -10.29 -2.60
C GLY A 97 -19.90 -11.17 -1.44
N LEU A 98 -18.70 -10.91 -0.94
CA LEU A 98 -18.13 -11.61 0.18
C LEU A 98 -18.92 -11.20 1.46
N SER A 99 -18.88 -12.02 2.52
CA SER A 99 -19.62 -11.63 3.72
C SER A 99 -18.98 -10.36 4.25
N ILE A 100 -19.78 -9.57 4.94
CA ILE A 100 -19.26 -8.32 5.47
C ILE A 100 -18.16 -8.61 6.51
N ALA A 101 -18.18 -9.80 7.09
CA ALA A 101 -17.16 -10.16 8.07
C ALA A 101 -15.84 -10.42 7.36
N ASP A 102 -15.91 -11.05 6.19
CA ASP A 102 -14.73 -11.34 5.36
C ASP A 102 -14.15 -10.08 4.81
N GLN A 103 -15.01 -9.20 4.34
CA GLN A 103 -14.56 -7.94 3.79
C GLN A 103 -13.72 -7.20 4.82
N ILE A 104 -14.19 -7.18 6.06
CA ILE A 104 -13.46 -6.49 7.12
C ILE A 104 -12.16 -7.20 7.42
N THR A 105 -12.25 -8.52 7.51
CA THR A 105 -11.10 -9.38 7.80
C THR A 105 -9.97 -9.21 6.79
N LEU A 106 -10.34 -9.11 5.51
CA LEU A 106 -9.36 -8.93 4.44
C LEU A 106 -8.70 -7.57 4.55
N LEU A 107 -9.51 -6.54 4.75
CA LEU A 107 -9.00 -5.18 4.86
C LEU A 107 -8.08 -5.08 6.06
N LYS A 108 -8.54 -5.60 7.19
CA LYS A 108 -7.78 -5.60 8.43
C LYS A 108 -6.39 -6.16 8.23
N ALA A 109 -6.33 -7.34 7.63
CA ALA A 109 -5.07 -8.02 7.40
C ALA A 109 -4.14 -7.44 6.32
N ALA A 110 -4.70 -6.85 5.28
CA ALA A 110 -3.89 -6.35 4.16
C ALA A 110 -3.75 -4.86 4.01
N CYS A 111 -4.33 -4.11 4.94
CA CYS A 111 -4.29 -2.66 4.85
C CYS A 111 -2.92 -2.06 4.97
N LEU A 112 -2.14 -2.50 5.96
CA LEU A 112 -0.80 -1.94 6.11
C LEU A 112 0.06 -2.32 4.91
N ASP A 113 -0.15 -3.54 4.38
CA ASP A 113 0.59 -4.00 3.22
C ASP A 113 0.38 -3.06 2.05
N ILE A 114 -0.87 -2.75 1.75
CA ILE A 114 -1.17 -1.87 0.64
C ILE A 114 -0.61 -0.47 0.91
N LEU A 115 -0.75 -0.06 2.18
CA LEU A 115 -0.26 1.24 2.66
C LEU A 115 1.23 1.38 2.39
N MET A 116 1.99 0.32 2.68
CA MET A 116 3.43 0.28 2.46
C MET A 116 3.77 0.29 0.97
N LEU A 117 3.02 -0.47 0.18
CA LEU A 117 3.27 -0.52 -1.25
C LEU A 117 2.94 0.83 -1.87
N ARG A 118 1.90 1.49 -1.36
CA ARG A 118 1.49 2.80 -1.88
C ARG A 118 2.51 3.90 -1.72
N ILE A 119 3.00 4.12 -0.50
CA ILE A 119 3.98 5.16 -0.28
C ILE A 119 5.31 4.83 -0.98
N CYS A 120 5.57 3.54 -1.19
CA CYS A 120 6.78 3.17 -1.86
C CYS A 120 6.77 3.46 -3.37
N THR A 121 5.59 3.47 -3.97
CA THR A 121 5.51 3.79 -5.39
C THR A 121 5.60 5.31 -5.56
N ARG A 122 5.65 6.02 -4.43
CA ARG A 122 5.74 7.50 -4.39
C ARG A 122 7.16 8.00 -4.07
N TYR A 123 8.14 7.13 -4.28
CA TYR A 123 9.54 7.45 -4.02
C TYR A 123 10.18 8.12 -5.23
N THR A 124 10.86 9.22 -4.94
CA THR A 124 11.57 9.98 -5.96
C THR A 124 13.01 9.80 -5.54
N PRO A 125 13.71 8.84 -6.16
CA PRO A 125 15.13 8.57 -5.84
C PRO A 125 16.11 9.76 -5.84
N GLU A 126 15.95 10.70 -6.76
CA GLU A 126 16.87 11.85 -6.80
C GLU A 126 16.77 12.75 -5.58
N GLN A 127 15.55 13.14 -5.23
CA GLN A 127 15.36 14.01 -4.08
C GLN A 127 15.42 13.23 -2.78
N ASP A 128 15.29 11.89 -2.86
CA ASP A 128 15.27 10.99 -1.71
C ASP A 128 14.12 11.40 -0.82
N THR A 129 12.94 11.44 -1.40
CA THR A 129 11.77 11.82 -0.66
C THR A 129 10.67 10.84 -0.97
N MET A 130 9.55 11.00 -0.29
CA MET A 130 8.35 10.19 -0.52
C MET A 130 7.17 11.15 -0.45
N THR A 131 6.34 11.11 -1.48
CA THR A 131 5.18 12.00 -1.59
C THR A 131 3.83 11.40 -1.20
N PHE A 132 3.05 12.17 -0.44
CA PHE A 132 1.76 11.74 0.00
C PHE A 132 0.66 12.23 -0.91
N SER A 133 -0.56 11.76 -0.73
CA SER A 133 -1.66 12.13 -1.63
C SER A 133 -2.15 13.57 -1.73
N ASP A 134 -1.81 14.42 -0.78
CA ASP A 134 -2.24 15.79 -0.88
C ASP A 134 -1.08 16.57 -1.48
N GLY A 135 0.03 15.86 -1.74
CA GLY A 135 1.21 16.49 -2.28
C GLY A 135 2.36 16.67 -1.30
N LEU A 136 2.16 16.40 0.00
CA LEU A 136 3.22 16.56 0.98
C LEU A 136 4.40 15.70 0.56
N THR A 137 5.56 16.33 0.36
CA THR A 137 6.75 15.58 -0.05
C THR A 137 7.79 15.67 1.08
N LEU A 138 7.95 14.57 1.81
CA LEU A 138 8.88 14.51 2.95
C LEU A 138 10.20 13.86 2.64
N ASN A 139 11.30 14.49 3.06
CA ASN A 139 12.65 13.93 2.85
C ASN A 139 12.79 12.84 3.88
N ARG A 140 13.84 12.03 3.80
CA ARG A 140 14.04 10.93 4.74
C ARG A 140 14.03 11.36 6.21
N THR A 141 14.68 12.47 6.52
CA THR A 141 14.70 12.90 7.90
C THR A 141 13.30 13.15 8.43
N GLN A 142 12.48 13.81 7.62
CA GLN A 142 11.11 14.14 8.02
C GLN A 142 10.22 12.90 8.16
N MET A 143 10.42 11.90 7.30
CA MET A 143 9.65 10.66 7.36
C MET A 143 9.95 10.00 8.69
N HIS A 144 11.23 10.05 9.08
CA HIS A 144 11.73 9.48 10.34
C HIS A 144 11.07 10.20 11.52
N ASN A 145 11.14 11.53 11.50
CA ASN A 145 10.56 12.35 12.55
C ASN A 145 9.06 12.34 12.55
N ALA A 146 8.44 11.99 11.43
CA ALA A 146 6.98 11.95 11.34
C ALA A 146 6.41 10.73 12.05
N GLY A 147 7.23 9.71 12.27
CA GLY A 147 6.76 8.53 12.95
C GLY A 147 7.53 7.28 12.57
N PHE A 148 8.07 7.23 11.36
CA PHE A 148 8.80 6.04 10.89
C PHE A 148 9.92 5.53 11.79
N GLY A 149 10.53 6.43 12.56
CA GLY A 149 11.57 6.03 13.48
C GLY A 149 12.64 5.10 12.96
N PRO A 150 12.99 4.03 13.71
CA PRO A 150 14.01 3.08 13.26
C PRO A 150 13.71 2.25 12.01
N LEU A 151 12.49 2.38 11.49
CA LEU A 151 12.07 1.66 10.29
C LEU A 151 12.21 2.48 9.00
N THR A 152 12.49 3.77 9.13
CA THR A 152 12.66 4.69 8.00
C THR A 152 13.54 4.14 6.88
N ASP A 153 14.77 3.76 7.24
CA ASP A 153 15.72 3.28 6.25
C ASP A 153 15.31 2.03 5.52
N LEU A 154 14.62 1.12 6.20
CA LEU A 154 14.15 -0.11 5.56
C LEU A 154 13.08 0.19 4.55
N VAL A 155 12.14 1.07 4.94
CA VAL A 155 11.05 1.46 4.06
C VAL A 155 11.70 2.02 2.82
N PHE A 156 12.61 2.95 3.00
CA PHE A 156 13.29 3.59 1.88
C PHE A 156 14.06 2.62 1.00
N ALA A 157 14.59 1.57 1.61
CA ALA A 157 15.37 0.57 0.87
C ALA A 157 14.42 -0.37 0.16
N PHE A 158 13.21 -0.51 0.69
CA PHE A 158 12.23 -1.38 0.06
C PHE A 158 11.74 -0.66 -1.17
N ALA A 159 11.54 0.65 -1.06
CA ALA A 159 11.07 1.45 -2.20
C ALA A 159 12.13 1.48 -3.26
N GLY A 160 13.37 1.57 -2.83
CA GLY A 160 14.45 1.60 -3.79
C GLY A 160 14.40 0.35 -4.64
N GLN A 161 14.48 -0.80 -3.98
CA GLN A 161 14.47 -2.09 -4.64
C GLN A 161 13.19 -2.42 -5.41
N LEU A 162 12.21 -1.52 -5.35
CA LEU A 162 10.96 -1.69 -6.08
C LEU A 162 11.12 -0.99 -7.44
N LEU A 163 11.94 0.06 -7.48
CA LEU A 163 12.18 0.80 -8.72
C LEU A 163 12.56 -0.05 -9.94
N PRO A 164 13.58 -0.94 -9.83
CA PRO A 164 14.01 -1.78 -10.95
C PRO A 164 12.89 -2.53 -11.67
N LEU A 165 11.81 -2.82 -10.96
CA LEU A 165 10.66 -3.53 -11.56
C LEU A 165 9.86 -2.60 -12.50
N GLU A 166 10.05 -1.29 -12.35
CA GLU A 166 9.38 -0.28 -13.19
C GLU A 166 7.89 -0.58 -13.43
N MET A 167 7.18 -0.92 -12.36
CA MET A 167 5.75 -1.22 -12.43
C MET A 167 4.94 0.01 -12.75
N ASP A 168 3.74 -0.20 -13.30
CA ASP A 168 2.89 0.92 -13.62
C ASP A 168 1.61 0.88 -12.80
N ASP A 169 0.77 1.90 -12.95
CA ASP A 169 -0.46 2.02 -12.20
C ASP A 169 -1.35 0.79 -12.18
N THR A 170 -1.52 0.15 -13.33
CA THR A 170 -2.37 -1.03 -13.42
C THR A 170 -1.74 -2.24 -12.73
N GLU A 171 -0.42 -2.37 -12.81
CA GLU A 171 0.30 -3.48 -12.16
C GLU A 171 0.31 -3.32 -10.65
N THR A 172 0.40 -2.08 -10.18
CA THR A 172 0.38 -1.80 -8.73
C THR A 172 -1.04 -2.08 -8.20
N GLY A 173 -2.03 -1.74 -9.02
CA GLY A 173 -3.42 -1.95 -8.64
C GLY A 173 -3.72 -3.44 -8.53
N LEU A 174 -3.34 -4.20 -9.55
CA LEU A 174 -3.58 -5.65 -9.56
C LEU A 174 -2.82 -6.28 -8.39
N LEU A 175 -1.55 -5.92 -8.24
CA LEU A 175 -0.72 -6.43 -7.16
C LEU A 175 -1.38 -6.14 -5.81
N SER A 176 -1.94 -4.94 -5.65
CA SER A 176 -2.60 -4.57 -4.40
C SER A 176 -3.84 -5.42 -4.15
N ALA A 177 -4.58 -5.73 -5.21
CA ALA A 177 -5.80 -6.55 -5.14
C ALA A 177 -5.45 -7.94 -4.69
N ILE A 178 -4.34 -8.45 -5.22
CA ILE A 178 -3.86 -9.78 -4.89
C ILE A 178 -3.48 -9.85 -3.41
N CYS A 179 -2.92 -8.76 -2.89
CA CYS A 179 -2.54 -8.73 -1.48
C CYS A 179 -3.80 -8.76 -0.63
N LEU A 180 -4.86 -8.12 -1.13
CA LEU A 180 -6.11 -8.04 -0.42
C LEU A 180 -6.92 -9.32 -0.50
N ILE A 181 -7.27 -9.75 -1.72
CA ILE A 181 -8.07 -10.95 -1.89
C ILE A 181 -7.15 -12.13 -1.64
N CYS A 182 -7.07 -12.51 -0.36
CA CYS A 182 -6.18 -13.59 0.04
C CYS A 182 -6.96 -14.60 0.89
N GLY A 183 -7.00 -15.84 0.44
CA GLY A 183 -7.71 -16.88 1.16
C GLY A 183 -7.01 -17.42 2.39
N ASP A 184 -5.70 -17.21 2.49
CA ASP A 184 -4.99 -17.74 3.64
C ASP A 184 -5.15 -16.95 4.92
N ARG A 185 -6.02 -15.94 4.91
CA ARG A 185 -6.22 -15.15 6.14
C ARG A 185 -6.92 -15.98 7.20
N MET A 186 -6.81 -15.52 8.44
CA MET A 186 -7.31 -16.20 9.62
C MET A 186 -8.80 -16.42 9.90
N ASP A 187 -9.54 -15.34 10.08
CA ASP A 187 -10.95 -15.53 10.41
C ASP A 187 -11.91 -15.53 9.26
N LEU A 188 -11.48 -16.02 8.10
CA LEU A 188 -12.35 -16.04 6.96
C LEU A 188 -13.39 -17.11 7.17
N GLU A 189 -14.64 -16.74 6.86
CA GLU A 189 -15.78 -17.63 6.99
C GLU A 189 -15.92 -18.46 5.72
N GLU A 190 -15.48 -17.86 4.62
CA GLU A 190 -15.53 -18.50 3.31
C GLU A 190 -14.19 -18.32 2.59
N PRO A 191 -13.13 -19.01 3.05
CA PRO A 191 -11.82 -18.90 2.39
C PRO A 191 -11.80 -19.35 0.94
N GLU A 192 -12.53 -20.42 0.66
CA GLU A 192 -12.61 -20.99 -0.69
C GLU A 192 -13.14 -20.00 -1.73
N LYS A 193 -14.02 -19.10 -1.30
CA LYS A 193 -14.60 -18.11 -2.21
C LYS A 193 -13.63 -16.98 -2.52
N VAL A 194 -12.83 -16.62 -1.52
CA VAL A 194 -11.87 -15.56 -1.67
C VAL A 194 -10.79 -16.05 -2.63
N ASP A 195 -10.41 -17.33 -2.53
CA ASP A 195 -9.38 -17.89 -3.43
C ASP A 195 -9.82 -17.77 -4.89
N LYS A 196 -11.09 -18.07 -5.15
CA LYS A 196 -11.65 -17.99 -6.51
C LYS A 196 -11.63 -16.56 -7.04
N LEU A 197 -11.86 -15.60 -6.15
CA LEU A 197 -11.84 -14.19 -6.54
C LEU A 197 -10.43 -13.81 -6.90
N GLN A 198 -9.47 -14.35 -6.19
CA GLN A 198 -8.08 -14.02 -6.46
C GLN A 198 -7.59 -14.60 -7.77
N GLU A 199 -8.08 -15.80 -8.10
CA GLU A 199 -7.66 -16.48 -9.32
C GLU A 199 -7.52 -15.58 -10.56
N PRO A 200 -8.61 -14.89 -10.99
CA PRO A 200 -8.52 -14.03 -12.16
C PRO A 200 -7.52 -12.87 -12.03
N LEU A 201 -7.28 -12.40 -10.81
CA LEU A 201 -6.35 -11.28 -10.61
C LEU A 201 -4.94 -11.76 -10.88
N LEU A 202 -4.65 -13.02 -10.59
CA LEU A 202 -3.33 -13.59 -10.85
C LEU A 202 -3.20 -13.81 -12.36
N GLU A 203 -4.27 -14.27 -13.02
CA GLU A 203 -4.23 -14.47 -14.48
C GLU A 203 -4.08 -13.11 -15.13
N ALA A 204 -4.89 -12.18 -14.67
CA ALA A 204 -4.91 -10.81 -15.19
C ALA A 204 -3.55 -10.12 -15.11
N LEU A 205 -2.85 -10.31 -14.00
CA LEU A 205 -1.54 -9.69 -13.81
C LEU A 205 -0.51 -10.33 -14.72
N ARG A 206 -0.53 -11.65 -14.86
CA ARG A 206 0.46 -12.30 -15.73
C ARG A 206 0.20 -11.89 -17.18
N LEU A 207 -1.06 -11.94 -17.60
CA LEU A 207 -1.41 -11.53 -18.96
C LEU A 207 -0.91 -10.11 -19.22
N TYR A 208 -1.21 -9.20 -18.31
CA TYR A 208 -0.80 -7.80 -18.45
C TYR A 208 0.71 -7.57 -18.43
N ALA A 209 1.39 -8.10 -17.41
CA ALA A 209 2.83 -7.91 -17.29
C ALA A 209 3.62 -8.40 -18.49
N ARG A 210 3.26 -9.59 -18.99
CA ARG A 210 3.97 -10.18 -20.12
C ARG A 210 3.77 -9.43 -21.42
N ARG A 211 2.55 -8.96 -21.65
CA ARG A 211 2.18 -8.21 -22.84
C ARG A 211 2.92 -6.88 -22.91
N ARG A 212 2.90 -6.16 -21.79
CA ARG A 212 3.55 -4.86 -21.70
C ARG A 212 5.04 -5.00 -21.96
N ARG A 213 5.62 -6.06 -21.40
CA ARG A 213 7.05 -6.28 -21.53
C ARG A 213 7.39 -7.75 -21.72
N PRO A 214 7.30 -8.26 -22.97
CA PRO A 214 7.61 -9.65 -23.30
C PRO A 214 9.08 -9.98 -23.13
N SER A 215 9.94 -8.98 -23.14
CA SER A 215 11.39 -9.19 -23.00
C SER A 215 11.88 -9.57 -21.62
N GLN A 216 11.05 -9.36 -20.60
CA GLN A 216 11.43 -9.72 -19.23
C GLN A 216 10.36 -10.58 -18.59
N PRO A 217 10.42 -11.91 -18.86
CA PRO A 217 9.48 -12.89 -18.33
C PRO A 217 9.52 -13.07 -16.83
N TYR A 218 10.55 -12.52 -16.19
CA TYR A 218 10.61 -12.70 -14.74
C TYR A 218 9.91 -11.60 -13.98
N MET A 219 9.17 -10.71 -14.65
CA MET A 219 8.46 -9.66 -13.92
C MET A 219 7.31 -10.17 -13.05
N PHE A 220 6.46 -11.03 -13.59
CA PHE A 220 5.35 -11.54 -12.79
C PHE A 220 5.81 -12.24 -11.51
N PRO A 221 6.70 -13.28 -11.61
CA PRO A 221 7.14 -13.95 -10.38
C PRO A 221 7.91 -13.00 -9.43
N ARG A 222 8.51 -11.94 -9.98
CA ARG A 222 9.21 -10.96 -9.16
C ARG A 222 8.17 -10.13 -8.41
N MET A 223 7.02 -9.91 -9.05
CA MET A 223 5.95 -9.12 -8.42
C MET A 223 5.28 -9.88 -7.32
N LEU A 224 4.99 -11.16 -7.55
CA LEU A 224 4.37 -11.98 -6.51
C LEU A 224 5.31 -12.10 -5.32
N MET A 225 6.59 -12.38 -5.57
CA MET A 225 7.54 -12.48 -4.48
C MET A 225 7.61 -11.19 -3.65
N LYS A 226 7.27 -10.07 -4.27
CA LYS A 226 7.29 -8.79 -3.57
C LYS A 226 6.27 -8.80 -2.46
N ILE A 227 5.17 -9.51 -2.66
CA ILE A 227 4.10 -9.62 -1.68
C ILE A 227 4.61 -10.14 -0.32
N THR A 228 5.64 -10.99 -0.40
CA THR A 228 6.26 -11.56 0.79
C THR A 228 7.08 -10.47 1.47
N ASP A 229 7.90 -9.77 0.67
CA ASP A 229 8.76 -8.67 1.17
C ASP A 229 7.89 -7.64 1.86
N LEU A 230 6.84 -7.26 1.15
CA LEU A 230 5.83 -6.28 1.56
C LEU A 230 5.22 -6.64 2.91
N ARG A 231 4.83 -7.90 3.02
CA ARG A 231 4.20 -8.46 4.22
C ARG A 231 5.18 -8.32 5.39
N GLY A 232 6.47 -8.44 5.09
CA GLY A 232 7.50 -8.32 6.11
C GLY A 232 7.76 -6.91 6.58
N ILE A 233 7.74 -5.96 5.64
CA ILE A 233 7.97 -4.58 6.01
C ILE A 233 6.71 -4.13 6.82
N SER A 234 5.59 -4.82 6.60
CA SER A 234 4.33 -4.53 7.31
C SER A 234 4.36 -4.98 8.77
N THR A 235 4.80 -6.21 9.03
CA THR A 235 4.85 -6.68 10.41
C THR A 235 5.83 -5.80 11.19
N LYS A 236 6.87 -5.32 10.52
CA LYS A 236 7.81 -4.42 11.19
C LYS A 236 7.12 -3.05 11.46
N GLY A 237 6.18 -2.69 10.57
CA GLY A 237 5.44 -1.44 10.69
C GLY A 237 4.43 -1.52 11.82
N ALA A 238 3.87 -2.70 12.05
CA ALA A 238 2.92 -2.89 13.12
C ALA A 238 3.76 -2.81 14.39
N GLU A 239 4.92 -3.45 14.32
CA GLU A 239 5.84 -3.48 15.44
C GLU A 239 6.26 -2.07 15.82
N ARG A 240 6.43 -1.24 14.80
CA ARG A 240 6.82 0.14 15.02
C ARG A 240 5.65 0.91 15.65
N ALA A 241 4.43 0.55 15.29
CA ALA A 241 3.27 1.24 15.87
C ALA A 241 3.14 0.98 17.37
N ILE A 242 3.68 -0.15 17.84
CA ILE A 242 3.64 -0.47 19.26
C ILE A 242 4.44 0.56 20.04
N THR A 243 5.66 0.82 19.55
CA THR A 243 6.59 1.77 20.16
C THR A 243 6.03 3.17 20.07
N LEU A 244 5.60 3.55 18.87
CA LEU A 244 5.05 4.88 18.60
C LEU A 244 3.95 5.27 19.58
N LYS A 245 3.11 4.32 19.95
CA LYS A 245 2.01 4.58 20.88
C LYS A 245 2.49 5.17 22.18
N MET A 246 3.71 4.82 22.58
CA MET A 246 4.28 5.36 23.80
C MET A 246 4.78 6.78 23.56
N GLU A 247 5.42 6.98 22.42
CA GLU A 247 5.98 8.29 22.07
C GLU A 247 4.96 9.39 21.80
N ILE A 248 3.76 9.03 21.34
CA ILE A 248 2.77 10.05 21.04
C ILE A 248 1.84 10.34 22.20
N PRO A 249 1.45 11.61 22.38
CA PRO A 249 0.55 12.01 23.46
C PRO A 249 -0.90 11.88 22.96
N GLY A 250 -1.61 10.90 23.47
CA GLY A 250 -2.98 10.74 23.03
C GLY A 250 -3.05 9.54 22.13
N PRO A 251 -4.23 8.88 22.03
CA PRO A 251 -4.40 7.69 21.18
C PRO A 251 -4.21 7.94 19.69
N MET A 252 -3.73 6.91 18.99
CA MET A 252 -3.51 6.94 17.55
C MET A 252 -4.92 7.00 16.94
N PRO A 253 -5.07 7.57 15.74
CA PRO A 253 -6.39 7.64 15.11
C PRO A 253 -7.12 6.30 15.08
N PRO A 254 -8.47 6.31 15.17
CA PRO A 254 -9.35 5.13 15.18
C PRO A 254 -9.30 4.15 13.98
N LEU A 255 -9.10 4.68 12.77
CA LEU A 255 -9.03 3.83 11.58
C LEU A 255 -7.68 3.16 11.52
N ILE A 256 -6.69 3.86 12.05
CA ILE A 256 -5.33 3.34 12.10
C ILE A 256 -5.33 2.21 13.15
N ARG A 257 -6.05 2.43 14.24
CA ARG A 257 -6.14 1.42 15.28
C ARG A 257 -6.96 0.20 14.79
N GLU A 258 -7.98 0.42 13.95
CA GLU A 258 -8.78 -0.69 13.44
C GLU A 258 -7.86 -1.63 12.67
N MET A 259 -7.00 -1.02 11.86
CA MET A 259 -6.05 -1.73 11.05
C MET A 259 -5.03 -2.54 11.84
N LEU A 260 -4.50 -1.93 12.90
CA LEU A 260 -3.51 -2.60 13.74
C LEU A 260 -4.08 -3.74 14.56
N GLU A 261 -5.38 -3.72 14.81
CA GLU A 261 -6.02 -4.80 15.56
C GLU A 261 -6.13 -5.91 14.51
N ASN A 262 -5.07 -6.70 14.40
CA ASN A 262 -5.02 -7.78 13.42
C ASN A 262 -4.39 -9.01 14.06
C1 961 B . 0.37 6.89 3.90
C2 961 B . -0.21 7.91 3.17
C3 961 B . -0.33 7.77 1.77
C4 961 B . 0.09 6.64 1.17
C5 961 B . 0.72 5.66 1.89
C6 961 B . 0.89 5.78 3.25
C7 961 B . -0.86 8.83 0.95
C8 961 B . 3.52 3.64 8.06
C9 961 B . 2.52 3.71 7.06
C10 961 B . 1.22 3.81 7.49
C11 961 B . 0.88 3.65 8.82
C12 961 B . 1.83 3.58 9.84
C13 961 B . 1.28 3.54 11.29
C14 961 B . 2.48 3.74 12.26
C15 961 B . 3.79 2.99 11.85
C16 961 B . 4.41 3.55 10.52
C17 961 B . 3.24 3.61 9.45
C18 961 B . 5.08 4.95 10.79
C19 961 B . 5.57 2.58 10.10
C20 961 B . 0.22 4.69 11.55
C21 961 B . 0.70 2.14 11.54
C22 961 B . 2.69 3.54 5.56
C23 961 B . 2.42 4.90 4.80
N6 961 B . 1.49 4.78 3.88
F1 961 B . 0.28 6.89 5.24
O22 961 B . 3.90 3.06 5.16
O23 961 B . 2.98 5.97 5.04
O71 961 B . -1.36 9.78 1.57
O72 961 B . -0.73 8.85 -0.29
#